data_4ZTC
#
_entry.id   4ZTC
#
_cell.length_a   66.161
_cell.length_b   66.161
_cell.length_c   169.013
_cell.angle_alpha   90.00
_cell.angle_beta   90.00
_cell.angle_gamma   90.00
#
_symmetry.space_group_name_H-M   'P 41 21 2'
#
loop_
_entity.id
_entity.type
_entity.pdbx_description
1 polymer 'Aminotransferase homolog'
2 non-polymer '[(2R,3R,4R,5S,6R)-3-acetamido-6-methyl-5-[(E)-[2-methyl-3-oxidanyl-5-(phosphonooxymethyl)pyridin-4-yl]methylideneamino]-4-oxidanyl-oxan-2-yl] [[(2R,3S,4R,5R)-5-[2,4-bis(oxidanylidene)pyrimidin-1-yl]-3,4-bis(oxidanyl)oxolan-2-yl]methoxy-oxidanyl-phosphoryl] hydrogen phosphate'
3 water water
#
_entity_poly.entity_id   1
_entity_poly.type   'polypeptide(L)'
_entity_poly.pdbx_seq_one_letter_code
;MRFFLSPPHMGGNELKYIEEVFKSNYIAPLGEFVNRFEQSVKDYSKSENALALNSATAALHLALRVAGVKQDDIVLASSF
TFIASVAPICYLKAKPVFIDCDETYNIDVDLLKLAIKECEKKPKALILTHLYGNAAKMDEIVEICKENDIVLIEDAAEAL
GSFYKNKALGTFGEFGVYSYNGNAIITTSGGGMLIGKNKEKIEKARFYSTQARENCLHYEHLDYGYNYRLSNVLGAIGVA
QMEVLEQRVLKKREIYEWYKEFLGEYFSFLDELENSRSNRWLSTALINFDKNELNSCQKDINISQKNITLHPKISKLIED
LKNKQIETRPLWKTMHAQEVFKGAKAYLNGNSELFFQKGICLPSGTAMSKDDVYEISKLILKSIKA
;
_entity_poly.pdbx_strand_id   A
#
# COMPACT_ATOMS: atom_id res chain seq x y z
N MET A 1 17.90 15.17 -9.82
CA MET A 1 17.82 13.72 -10.14
C MET A 1 17.20 13.48 -11.53
N ARG A 2 17.72 12.48 -12.23
CA ARG A 2 17.21 12.17 -13.55
C ARG A 2 16.03 11.22 -13.45
N PHE A 3 16.09 10.32 -12.48
CA PHE A 3 15.09 9.27 -12.31
C PHE A 3 14.72 9.04 -10.86
N PHE A 4 13.41 9.09 -10.61
CA PHE A 4 12.84 8.87 -9.31
C PHE A 4 12.14 7.53 -9.28
N LEU A 5 11.82 7.10 -8.09
CA LEU A 5 11.18 5.83 -7.95
C LEU A 5 9.90 5.74 -8.74
N SER A 6 9.07 6.77 -8.67
CA SER A 6 7.74 6.66 -9.25
C SER A 6 7.13 8.04 -9.20
N PRO A 7 7.73 9.00 -9.95
CA PRO A 7 7.23 10.34 -9.92
C PRO A 7 5.82 10.46 -10.50
N PRO A 8 5.23 11.63 -10.39
CA PRO A 8 3.97 11.80 -11.12
C PRO A 8 4.16 11.60 -12.60
N HIS A 9 3.16 10.99 -13.22
CA HIS A 9 3.07 10.81 -14.65
C HIS A 9 1.67 11.21 -15.05
N MET A 10 1.58 12.41 -15.60
CA MET A 10 0.35 13.10 -15.81
C MET A 10 0.02 12.99 -17.29
N GLY A 11 -0.38 14.10 -17.92
CA GLY A 11 -0.42 14.20 -19.40
C GLY A 11 -1.70 13.63 -19.97
N GLY A 12 -2.74 13.65 -19.17
CA GLY A 12 -4.02 13.30 -19.65
C GLY A 12 -4.94 14.52 -19.59
N ASN A 13 -6.08 14.28 -18.99
CA ASN A 13 -7.18 15.24 -18.85
C ASN A 13 -7.20 15.97 -17.51
N GLU A 14 -6.10 15.92 -16.77
CA GLU A 14 -6.05 16.51 -15.45
C GLU A 14 -6.42 18.01 -15.49
N LEU A 15 -5.63 18.84 -16.18
CA LEU A 15 -5.93 20.28 -16.31
CA LEU A 15 -5.94 20.28 -16.29
C LEU A 15 -7.33 20.52 -16.85
N LYS A 16 -7.73 19.76 -17.85
CA LYS A 16 -9.06 19.88 -18.44
C LYS A 16 -10.19 19.70 -17.40
N TYR A 17 -10.09 18.64 -16.61
CA TYR A 17 -11.06 18.41 -15.57
C TYR A 17 -10.91 19.47 -14.43
N ILE A 18 -9.71 19.84 -14.09
CA ILE A 18 -9.57 20.90 -13.09
C ILE A 18 -10.32 22.19 -13.55
N GLU A 19 -10.12 22.53 -14.79
CA GLU A 19 -10.85 23.68 -15.38
C GLU A 19 -12.35 23.51 -15.31
N GLU A 20 -12.84 22.28 -15.40
CA GLU A 20 -14.26 22.03 -15.25
C GLU A 20 -14.69 22.25 -13.80
N VAL A 21 -13.79 21.93 -12.89
CA VAL A 21 -14.03 22.16 -11.49
C VAL A 21 -14.11 23.68 -11.32
N PHE A 22 -13.16 24.43 -11.86
CA PHE A 22 -13.23 25.88 -11.67
C PHE A 22 -14.51 26.46 -12.24
N LYS A 23 -14.90 26.00 -13.43
CA LYS A 23 -16.16 26.42 -14.02
C LYS A 23 -17.36 26.11 -13.14
N SER A 24 -17.38 24.93 -12.53
CA SER A 24 -18.46 24.55 -11.59
C SER A 24 -18.51 25.47 -10.36
N ASN A 25 -17.36 26.02 -10.02
CA ASN A 25 -17.18 26.70 -8.74
C ASN A 25 -17.32 25.85 -7.49
N TYR A 26 -17.30 24.52 -7.62
CA TYR A 26 -17.15 23.68 -6.43
C TYR A 26 -15.66 23.50 -6.04
N ILE A 27 -15.12 24.54 -5.41
CA ILE A 27 -13.75 24.60 -4.99
C ILE A 27 -13.70 24.18 -3.49
N ALA A 28 -13.97 22.90 -3.25
CA ALA A 28 -14.37 22.38 -1.96
C ALA A 28 -14.18 20.90 -1.95
N PRO A 29 -14.16 20.26 -0.76
CA PRO A 29 -14.07 18.80 -0.69
C PRO A 29 -15.39 18.09 -0.92
N LEU A 30 -15.94 18.31 -2.11
CA LEU A 30 -17.18 17.69 -2.55
C LEU A 30 -17.46 18.21 -3.93
N GLY A 31 -18.41 17.59 -4.61
CA GLY A 31 -18.74 18.01 -5.94
C GLY A 31 -18.69 16.86 -6.93
N GLU A 32 -18.81 17.20 -8.20
CA GLU A 32 -19.00 16.21 -9.25
C GLU A 32 -17.81 15.29 -9.46
N PHE A 33 -16.59 15.83 -9.36
CA PHE A 33 -15.39 15.04 -9.64
C PHE A 33 -14.95 14.20 -8.46
N VAL A 34 -15.28 14.62 -7.23
CA VAL A 34 -15.23 13.68 -6.11
C VAL A 34 -16.10 12.51 -6.51
N ASN A 35 -17.29 12.77 -7.04
CA ASN A 35 -18.27 11.70 -7.23
C ASN A 35 -17.83 10.76 -8.33
N ARG A 36 -17.41 11.37 -9.43
CA ARG A 36 -16.87 10.67 -10.59
CA ARG A 36 -16.89 10.66 -10.58
C ARG A 36 -15.64 9.87 -10.24
N PHE A 37 -14.77 10.43 -9.40
CA PHE A 37 -13.55 9.72 -8.93
C PHE A 37 -13.95 8.42 -8.24
N GLU A 38 -14.95 8.51 -7.34
CA GLU A 38 -15.43 7.34 -6.68
C GLU A 38 -16.12 6.39 -7.66
N GLN A 39 -16.86 6.92 -8.62
CA GLN A 39 -17.46 6.04 -9.62
C GLN A 39 -16.37 5.25 -10.37
N SER A 40 -15.26 5.91 -10.69
CA SER A 40 -14.24 5.27 -11.51
C SER A 40 -13.54 4.14 -10.75
N VAL A 41 -13.37 4.34 -9.44
CA VAL A 41 -12.76 3.31 -8.61
C VAL A 41 -13.72 2.14 -8.50
N LYS A 42 -15.02 2.39 -8.44
CA LYS A 42 -16.02 1.31 -8.46
C LYS A 42 -16.04 0.60 -9.83
N ASP A 43 -15.96 1.36 -10.91
CA ASP A 43 -15.98 0.73 -12.23
C ASP A 43 -14.76 -0.20 -12.39
N TYR A 44 -13.58 0.27 -11.99
CA TYR A 44 -12.36 -0.48 -12.10
C TYR A 44 -12.28 -1.62 -11.07
N SER A 45 -12.52 -1.33 -9.81
CA SER A 45 -12.29 -2.31 -8.74
C SER A 45 -13.41 -3.33 -8.63
N LYS A 46 -14.58 -2.89 -9.12
CA LYS A 46 -15.86 -3.58 -9.02
C LYS A 46 -16.37 -3.63 -7.59
N SER A 47 -15.78 -2.84 -6.69
CA SER A 47 -16.28 -2.77 -5.36
C SER A 47 -17.52 -1.96 -5.56
N GLU A 48 -18.51 -2.21 -4.75
CA GLU A 48 -19.76 -1.47 -4.85
C GLU A 48 -19.80 -0.18 -4.08
N ASN A 49 -18.77 0.08 -3.30
CA ASN A 49 -18.73 1.31 -2.51
C ASN A 49 -17.37 1.93 -2.55
N ALA A 50 -17.32 3.25 -2.60
CA ALA A 50 -16.04 4.00 -2.64
C ALA A 50 -16.21 5.37 -2.00
N LEU A 51 -15.20 5.74 -1.21
CA LEU A 51 -15.23 7.00 -0.47
C LEU A 51 -13.88 7.70 -0.69
N ALA A 52 -13.94 8.82 -1.39
CA ALA A 52 -12.78 9.65 -1.74
C ALA A 52 -12.33 10.45 -0.53
N LEU A 53 -11.09 10.26 -0.13
CA LEU A 53 -10.52 10.86 1.09
C LEU A 53 -9.20 11.58 0.76
N ASN A 54 -8.66 12.35 1.69
CA ASN A 54 -7.37 13.05 1.47
C ASN A 54 -6.10 12.26 1.55
N SER A 55 -6.18 10.97 1.89
CA SER A 55 -5.02 10.09 2.04
C SER A 55 -5.51 8.67 2.27
N ALA A 56 -4.67 7.69 1.99
CA ALA A 56 -4.99 6.30 2.37
C ALA A 56 -4.83 6.07 3.86
N THR A 57 -3.93 6.80 4.49
CA THR A 57 -3.90 6.80 5.95
C THR A 57 -5.29 7.10 6.53
N ALA A 58 -5.97 8.13 6.04
CA ALA A 58 -7.33 8.45 6.51
C ALA A 58 -8.26 7.28 6.23
N ALA A 59 -8.17 6.70 5.06
CA ALA A 59 -9.00 5.56 4.69
C ALA A 59 -8.88 4.42 5.72
N LEU A 60 -7.67 4.13 6.14
CA LEU A 60 -7.42 3.09 7.09
C LEU A 60 -7.91 3.52 8.45
N HIS A 61 -7.70 4.77 8.82
CA HIS A 61 -8.21 5.22 10.09
C HIS A 61 -9.72 4.97 10.13
N LEU A 62 -10.42 5.35 9.06
CA LEU A 62 -11.88 5.18 9.05
C LEU A 62 -12.31 3.67 9.02
N ALA A 63 -11.63 2.87 8.22
CA ALA A 63 -11.91 1.45 8.14
C ALA A 63 -11.84 0.87 9.56
N LEU A 64 -10.82 1.24 10.32
CA LEU A 64 -10.67 0.70 11.67
C LEU A 64 -11.77 1.25 12.59
N ARG A 65 -12.10 2.53 12.42
CA ARG A 65 -13.07 3.16 13.35
C ARG A 65 -14.40 2.46 13.14
N VAL A 66 -14.81 2.38 11.88
CA VAL A 66 -16.06 1.81 11.48
C VAL A 66 -16.15 0.33 11.75
N ALA A 67 -15.01 -0.36 11.87
CA ALA A 67 -14.98 -1.75 12.20
C ALA A 67 -15.12 -1.95 13.71
N GLY A 68 -15.04 -0.87 14.47
CA GLY A 68 -15.35 -0.94 15.90
C GLY A 68 -14.13 -1.21 16.76
N VAL A 69 -12.96 -0.96 16.20
CA VAL A 69 -11.74 -1.05 16.93
C VAL A 69 -11.71 0.07 17.91
N LYS A 70 -11.37 -0.30 19.13
CA LYS A 70 -11.42 0.56 20.27
C LYS A 70 -10.05 0.54 20.91
N GLN A 71 -9.84 1.42 21.87
CA GLN A 71 -8.64 1.41 22.65
C GLN A 71 -8.40 -0.01 23.25
N ASP A 72 -7.18 -0.48 23.10
CA ASP A 72 -6.72 -1.76 23.61
C ASP A 72 -7.23 -2.96 22.85
N ASP A 73 -8.02 -2.76 21.82
CA ASP A 73 -8.34 -3.86 20.92
C ASP A 73 -7.06 -4.28 20.17
N ILE A 74 -6.91 -5.57 19.97
CA ILE A 74 -5.81 -6.10 19.17
C ILE A 74 -6.06 -5.96 17.66
N VAL A 75 -5.10 -5.32 16.99
CA VAL A 75 -5.10 -5.28 15.55
C VAL A 75 -3.84 -5.93 15.01
N LEU A 76 -4.01 -6.97 14.21
CA LEU A 76 -2.88 -7.67 13.61
C LEU A 76 -2.45 -6.79 12.45
N ALA A 77 -1.17 -6.80 12.09
CA ALA A 77 -0.68 -6.04 10.92
C ALA A 77 0.60 -6.59 10.34
N SER A 78 0.86 -6.26 9.09
CA SER A 78 2.11 -6.58 8.44
C SER A 78 3.27 -5.80 9.08
N SER A 79 4.38 -6.49 9.33
CA SER A 79 5.63 -5.86 9.77
C SER A 79 6.26 -5.18 8.58
N PHE A 80 6.40 -5.91 7.47
CA PHE A 80 7.03 -5.42 6.25
C PHE A 80 6.06 -4.48 5.54
N THR A 81 6.08 -3.23 5.94
CA THR A 81 5.16 -2.23 5.40
C THR A 81 5.68 -0.83 5.72
N PHE A 82 4.95 0.20 5.28
CA PHE A 82 5.21 1.62 5.57
C PHE A 82 4.37 2.00 6.77
N ILE A 83 4.91 2.87 7.60
CA ILE A 83 4.30 3.13 8.91
C ILE A 83 2.86 3.62 8.85
N ALA A 84 2.52 4.32 7.76
CA ALA A 84 1.13 4.79 7.53
C ALA A 84 0.08 3.72 7.69
N SER A 85 0.46 2.49 7.32
CA SER A 85 -0.41 1.34 7.40
C SER A 85 -0.90 1.09 8.82
N VAL A 86 -0.03 1.33 9.81
CA VAL A 86 -0.27 0.94 11.20
C VAL A 86 -0.46 2.17 12.09
N ALA A 87 -0.06 3.36 11.63
CA ALA A 87 -0.29 4.57 12.39
C ALA A 87 -1.73 4.65 12.85
N PRO A 88 -2.69 4.17 12.06
CA PRO A 88 -4.03 4.37 12.63
C PRO A 88 -4.35 3.53 13.85
N ILE A 89 -3.65 2.42 14.02
CA ILE A 89 -3.73 1.60 15.23
C ILE A 89 -3.40 2.50 16.44
N CYS A 90 -2.34 3.27 16.30
CA CYS A 90 -1.89 4.22 17.28
C CYS A 90 -2.96 5.29 17.49
N TYR A 91 -3.57 5.78 16.42
CA TYR A 91 -4.61 6.79 16.61
C TYR A 91 -5.69 6.29 17.54
N LEU A 92 -6.11 5.04 17.39
CA LEU A 92 -7.21 4.47 18.18
C LEU A 92 -6.77 3.87 19.48
N LYS A 93 -5.44 3.88 19.72
CA LYS A 93 -4.79 3.28 20.88
C LYS A 93 -5.14 1.81 21.02
N ALA A 94 -5.21 1.14 19.87
CA ALA A 94 -5.32 -0.30 19.82
C ALA A 94 -3.93 -0.92 19.93
N LYS A 95 -3.89 -2.22 20.14
CA LYS A 95 -2.62 -2.92 20.41
C LYS A 95 -2.21 -3.65 19.17
N PRO A 96 -1.09 -3.25 18.56
CA PRO A 96 -0.65 -3.87 17.34
C PRO A 96 0.07 -5.20 17.57
N VAL A 97 -0.18 -6.18 16.71
CA VAL A 97 0.61 -7.42 16.70
C VAL A 97 1.12 -7.62 15.27
N PHE A 98 2.42 -7.54 15.13
CA PHE A 98 3.01 -7.45 13.83
C PHE A 98 3.45 -8.80 13.44
N ILE A 99 3.34 -9.12 12.15
CA ILE A 99 3.64 -10.46 11.64
C ILE A 99 4.52 -10.42 10.41
N ASP A 100 5.60 -11.19 10.45
CA ASP A 100 6.52 -11.30 9.36
C ASP A 100 5.90 -11.78 8.06
N CYS A 101 6.72 -11.69 7.03
CA CYS A 101 6.29 -11.88 5.67
C CYS A 101 6.81 -13.20 5.06
N ASP A 102 6.25 -13.53 3.90
CA ASP A 102 6.66 -14.69 3.12
C ASP A 102 7.27 -14.24 1.79
N GLU A 103 7.43 -15.20 0.88
CA GLU A 103 8.11 -14.97 -0.36
C GLU A 103 7.40 -13.95 -1.26
N THR A 104 6.17 -13.54 -0.92
CA THR A 104 5.44 -12.49 -1.65
C THR A 104 5.70 -11.07 -1.07
N TYR A 105 6.42 -11.01 0.04
CA TYR A 105 6.69 -9.78 0.82
C TYR A 105 5.57 -9.51 1.85
N ASN A 106 4.50 -10.29 1.77
CA ASN A 106 3.27 -10.12 2.59
C ASN A 106 3.14 -11.10 3.76
N ILE A 107 2.25 -10.80 4.70
CA ILE A 107 2.08 -11.60 5.89
C ILE A 107 2.17 -13.12 5.62
N ASP A 108 3.09 -13.78 6.32
CA ASP A 108 3.13 -15.23 6.21
C ASP A 108 1.90 -15.95 6.88
N VAL A 109 1.37 -16.92 6.14
CA VAL A 109 0.08 -17.54 6.43
C VAL A 109 0.10 -18.38 7.71
N ASP A 110 1.19 -19.11 7.90
CA ASP A 110 1.36 -19.90 9.11
C ASP A 110 1.68 -19.01 10.31
N LEU A 111 2.55 -18.01 10.14
CA LEU A 111 2.82 -17.08 11.25
C LEU A 111 1.53 -16.38 11.71
N LEU A 112 0.71 -16.00 10.74
CA LEU A 112 -0.63 -15.41 11.00
C LEU A 112 -1.46 -16.28 11.93
N LYS A 113 -1.53 -17.56 11.59
CA LYS A 113 -2.25 -18.56 12.41
C LYS A 113 -1.65 -18.67 13.79
N LEU A 114 -0.33 -18.62 13.87
CA LEU A 114 0.32 -18.65 15.14
C LEU A 114 -0.06 -17.45 15.98
N ALA A 115 0.07 -16.26 15.38
CA ALA A 115 -0.13 -15.02 16.09
C ALA A 115 -1.56 -14.93 16.62
N ILE A 116 -2.51 -15.36 15.81
CA ILE A 116 -3.92 -15.31 16.23
C ILE A 116 -4.12 -16.24 17.45
N LYS A 117 -3.65 -17.48 17.28
CA LYS A 117 -3.71 -18.52 18.32
C LYS A 117 -3.20 -18.03 19.68
N GLU A 118 -2.14 -17.24 19.66
CA GLU A 118 -1.48 -16.79 20.90
C GLU A 118 -1.86 -15.40 21.34
N CYS A 119 -2.80 -14.77 20.67
CA CYS A 119 -3.32 -13.52 21.22
C CYS A 119 -3.97 -13.78 22.60
N GLU A 120 -3.66 -12.93 23.59
CA GLU A 120 -4.36 -12.98 24.87
C GLU A 120 -5.87 -12.77 24.75
N LYS A 121 -6.35 -12.17 23.65
CA LYS A 121 -7.80 -12.11 23.35
C LYS A 121 -8.06 -12.05 21.84
N LYS A 122 -9.27 -12.45 21.44
CA LYS A 122 -9.64 -12.50 20.02
C LYS A 122 -9.25 -11.17 19.32
N PRO A 123 -8.42 -11.25 18.27
CA PRO A 123 -8.07 -10.01 17.59
C PRO A 123 -9.26 -9.49 16.78
N LYS A 124 -9.45 -8.18 16.83
CA LYS A 124 -10.62 -7.53 16.21
C LYS A 124 -10.46 -7.42 14.73
N ALA A 125 -9.29 -6.97 14.26
CA ALA A 125 -9.04 -6.78 12.83
C ALA A 125 -7.63 -7.16 12.38
N LEU A 126 -7.51 -7.25 11.06
CA LEU A 126 -6.20 -7.35 10.43
C LEU A 126 -6.04 -6.32 9.30
N ILE A 127 -4.98 -5.52 9.41
CA ILE A 127 -4.52 -4.66 8.30
C ILE A 127 -3.45 -5.40 7.52
N LEU A 128 -3.82 -5.88 6.34
CA LEU A 128 -2.89 -6.63 5.50
C LEU A 128 -2.33 -5.71 4.47
N THR A 129 -1.02 -5.47 4.48
CA THR A 129 -0.38 -4.78 3.42
C THR A 129 -0.23 -5.70 2.20
N HIS A 130 -0.42 -5.16 1.01
CA HIS A 130 0.03 -5.85 -0.19
C HIS A 130 1.24 -5.13 -0.64
N LEU A 131 2.39 -5.57 -0.19
CA LEU A 131 3.59 -4.75 -0.37
C LEU A 131 4.05 -4.63 -1.82
N TYR A 132 4.36 -3.39 -2.25
CA TYR A 132 4.79 -3.11 -3.65
C TYR A 132 3.86 -3.60 -4.74
N GLY A 133 2.59 -3.76 -4.40
CA GLY A 133 1.63 -4.18 -5.38
C GLY A 133 1.40 -5.66 -5.39
N ASN A 134 2.24 -6.39 -4.67
CA ASN A 134 2.15 -7.84 -4.72
C ASN A 134 0.98 -8.34 -3.88
N ALA A 135 0.29 -9.33 -4.41
CA ALA A 135 -0.78 -9.99 -3.71
C ALA A 135 -0.23 -10.92 -2.63
N ALA A 136 -0.90 -10.87 -1.48
CA ALA A 136 -0.67 -11.83 -0.43
C ALA A 136 -1.54 -13.04 -0.74
N LYS A 137 -1.34 -14.10 0.02
CA LYS A 137 -2.08 -15.34 -0.18
C LYS A 137 -3.49 -15.19 0.32
N MET A 138 -4.35 -14.70 -0.58
CA MET A 138 -5.67 -14.23 -0.22
C MET A 138 -6.67 -15.33 0.19
N ASP A 139 -6.73 -16.43 -0.55
CA ASP A 139 -7.74 -17.42 -0.20
C ASP A 139 -7.47 -17.87 1.24
N GLU A 140 -6.19 -17.98 1.58
CA GLU A 140 -5.82 -18.42 2.90
C GLU A 140 -6.12 -17.38 3.96
N ILE A 141 -5.71 -16.14 3.69
CA ILE A 141 -5.89 -15.10 4.70
C ILE A 141 -7.38 -14.82 4.92
N VAL A 142 -8.10 -14.74 3.80
CA VAL A 142 -9.52 -14.44 3.81
C VAL A 142 -10.21 -15.48 4.72
N GLU A 143 -9.99 -16.75 4.41
CA GLU A 143 -10.54 -17.88 5.17
C GLU A 143 -10.19 -17.83 6.66
N ILE A 144 -8.93 -17.58 6.94
CA ILE A 144 -8.46 -17.43 8.30
C ILE A 144 -9.24 -16.33 9.00
N CYS A 145 -9.32 -15.17 8.35
CA CYS A 145 -10.08 -14.06 8.94
C CYS A 145 -11.54 -14.43 9.11
N LYS A 146 -12.13 -15.07 8.11
CA LYS A 146 -13.52 -15.51 8.24
C LYS A 146 -13.67 -16.45 9.45
N GLU A 147 -12.85 -17.50 9.49
CA GLU A 147 -12.85 -18.50 10.58
C GLU A 147 -12.73 -17.86 11.93
N ASN A 148 -11.81 -16.92 12.06
CA ASN A 148 -11.59 -16.28 13.35
C ASN A 148 -12.44 -15.01 13.61
N ASP A 149 -13.33 -14.67 12.67
CA ASP A 149 -14.18 -13.47 12.82
C ASP A 149 -13.27 -12.24 12.96
N ILE A 150 -12.24 -12.14 12.11
CA ILE A 150 -11.30 -10.99 12.14
C ILE A 150 -11.70 -10.07 10.99
N VAL A 151 -11.89 -8.75 11.22
CA VAL A 151 -12.23 -7.88 10.09
C VAL A 151 -10.94 -7.72 9.26
N LEU A 152 -10.94 -8.20 8.02
CA LEU A 152 -9.89 -7.90 7.08
C LEU A 152 -10.00 -6.53 6.39
N ILE A 153 -9.00 -5.72 6.65
CA ILE A 153 -8.83 -4.44 6.03
C ILE A 153 -7.59 -4.58 5.11
N GLU A 154 -7.80 -4.63 3.82
CA GLU A 154 -6.66 -4.69 2.96
C GLU A 154 -6.09 -3.30 2.81
N ASP A 155 -4.81 -3.20 3.12
CA ASP A 155 -4.07 -2.00 2.81
C ASP A 155 -3.45 -2.22 1.42
N ALA A 156 -4.20 -1.81 0.40
CA ALA A 156 -3.77 -1.86 -0.99
C ALA A 156 -3.32 -0.48 -1.44
N ALA A 157 -2.82 0.32 -0.49
CA ALA A 157 -2.38 1.63 -0.77
C ALA A 157 -1.35 1.68 -1.91
N GLU A 158 -0.48 0.68 -1.98
CA GLU A 158 0.52 0.59 -3.04
C GLU A 158 0.06 -0.32 -4.18
N ALA A 159 -1.17 -0.80 -4.15
CA ALA A 159 -1.49 -1.93 -4.99
C ALA A 159 -2.70 -1.67 -5.86
N LEU A 160 -2.98 -0.40 -6.11
CA LEU A 160 -4.08 -0.08 -6.98
C LEU A 160 -3.68 -0.63 -8.34
N GLY A 161 -4.53 -1.49 -8.89
CA GLY A 161 -4.24 -2.17 -10.12
C GLY A 161 -3.76 -3.61 -9.91
N SER A 162 -3.50 -4.02 -8.67
CA SER A 162 -3.16 -5.44 -8.46
C SER A 162 -4.41 -6.33 -8.34
N PHE A 163 -4.26 -7.60 -8.76
CA PHE A 163 -5.35 -8.61 -8.80
C PHE A 163 -4.84 -9.93 -8.25
N TYR A 164 -5.75 -10.65 -7.62
CA TYR A 164 -5.59 -12.02 -7.21
C TYR A 164 -6.83 -12.73 -7.75
N LYS A 165 -6.62 -13.81 -8.49
CA LYS A 165 -7.68 -14.62 -9.11
C LYS A 165 -8.78 -13.77 -9.69
N ASN A 166 -8.38 -12.84 -10.55
CA ASN A 166 -9.32 -11.97 -11.22
C ASN A 166 -10.06 -10.98 -10.32
N LYS A 167 -9.75 -10.90 -9.02
CA LYS A 167 -10.41 -9.90 -8.14
C LYS A 167 -9.43 -8.82 -7.81
N ALA A 168 -9.92 -7.59 -7.76
CA ALA A 168 -9.09 -6.43 -7.44
C ALA A 168 -8.60 -6.59 -6.03
N LEU A 169 -7.30 -6.42 -5.83
CA LEU A 169 -6.84 -6.24 -4.47
C LEU A 169 -7.57 -5.02 -3.88
N GLY A 170 -8.00 -5.16 -2.63
CA GLY A 170 -8.89 -4.22 -2.01
C GLY A 170 -10.31 -4.74 -1.84
N THR A 171 -10.71 -5.70 -2.65
CA THR A 171 -12.11 -6.16 -2.65
C THR A 171 -12.32 -7.49 -1.97
N PHE A 172 -11.31 -7.99 -1.31
CA PHE A 172 -11.45 -9.21 -0.55
C PHE A 172 -11.82 -8.86 0.86
N GLY A 173 -11.31 -7.73 1.35
CA GLY A 173 -11.45 -7.47 2.75
C GLY A 173 -12.80 -6.86 2.91
N GLU A 174 -13.23 -6.72 4.14
CA GLU A 174 -14.44 -5.97 4.47
C GLU A 174 -14.25 -4.52 3.91
N PHE A 175 -13.00 -4.07 4.06
CA PHE A 175 -12.48 -2.78 3.61
C PHE A 175 -11.25 -2.90 2.78
N GLY A 176 -11.06 -1.91 1.92
CA GLY A 176 -9.87 -1.84 1.09
C GLY A 176 -9.51 -0.36 1.02
N VAL A 177 -8.23 -0.09 0.97
CA VAL A 177 -7.77 1.27 0.85
C VAL A 177 -6.80 1.36 -0.32
N TYR A 178 -6.90 2.43 -1.11
CA TYR A 178 -5.91 2.83 -2.14
C TYR A 178 -5.40 4.25 -1.85
N SER A 179 -4.09 4.44 -2.06
CA SER A 179 -3.44 5.78 -1.96
C SER A 179 -3.31 6.41 -3.36
N TYR A 180 -3.47 7.74 -3.44
CA TYR A 180 -3.10 8.54 -4.61
C TYR A 180 -2.11 9.64 -4.18
N ASN A 181 -1.21 9.26 -3.30
CA ASN A 181 -0.13 10.12 -2.89
C ASN A 181 0.85 10.30 -4.06
N GLY A 182 1.85 11.15 -3.87
CA GLY A 182 2.56 11.74 -4.99
C GLY A 182 3.37 10.71 -5.73
N ASN A 183 3.63 9.58 -5.09
CA ASN A 183 4.46 8.58 -5.71
C ASN A 183 3.75 7.30 -6.02
N ALA A 184 2.45 7.29 -5.87
CA ALA A 184 1.63 6.09 -6.15
C ALA A 184 1.48 5.88 -7.65
N ILE A 185 1.07 4.70 -8.07
CA ILE A 185 1.05 4.35 -9.50
C ILE A 185 0.29 5.43 -10.28
N ILE A 186 -0.78 5.97 -9.68
CA ILE A 186 -1.42 7.24 -10.13
C ILE A 186 -1.68 8.12 -8.92
N THR A 187 -1.95 9.41 -9.14
CA THR A 187 -1.96 10.39 -8.04
C THR A 187 -3.09 11.41 -8.14
N THR A 188 -3.49 11.94 -6.99
CA THR A 188 -4.29 13.13 -6.91
C THR A 188 -3.45 14.25 -6.27
N SER A 189 -2.12 14.09 -6.21
CA SER A 189 -1.24 14.95 -5.41
C SER A 189 -1.47 14.80 -3.91
N GLY A 190 -2.00 13.65 -3.50
CA GLY A 190 -2.40 13.44 -2.12
C GLY A 190 -3.87 13.08 -2.06
N GLY A 191 -4.15 11.85 -1.68
CA GLY A 191 -5.48 11.37 -1.71
C GLY A 191 -5.60 9.89 -1.45
N GLY A 192 -6.83 9.43 -1.27
CA GLY A 192 -7.08 8.02 -1.07
C GLY A 192 -8.52 7.60 -1.32
N MET A 193 -8.70 6.29 -1.35
CA MET A 193 -10.04 5.73 -1.52
C MET A 193 -10.18 4.59 -0.52
N LEU A 194 -11.27 4.65 0.23
CA LEU A 194 -11.77 3.60 1.06
C LEU A 194 -12.89 2.95 0.29
N ILE A 195 -12.69 1.69 -0.03
CA ILE A 195 -13.70 0.90 -0.62
C ILE A 195 -14.08 -0.15 0.38
N GLY A 196 -15.21 -0.79 0.13
CA GLY A 196 -15.70 -1.86 1.00
C GLY A 196 -16.97 -2.60 0.57
N LYS A 197 -17.29 -3.61 1.35
CA LYS A 197 -18.35 -4.53 1.00
C LYS A 197 -19.69 -4.00 1.53
N ASN A 198 -19.64 -3.34 2.67
CA ASN A 198 -20.87 -2.95 3.36
C ASN A 198 -21.21 -1.45 3.08
N LYS A 199 -22.26 -1.19 2.30
CA LYS A 199 -22.66 0.19 1.88
C LYS A 199 -22.96 1.10 3.07
N GLU A 200 -23.57 0.54 4.12
CA GLU A 200 -23.84 1.27 5.35
C GLU A 200 -22.53 1.73 5.92
N LYS A 201 -21.58 0.79 6.02
CA LYS A 201 -20.29 1.04 6.67
C LYS A 201 -19.49 2.11 5.94
N ILE A 202 -19.41 1.99 4.64
CA ILE A 202 -18.77 3.00 3.81
C ILE A 202 -19.44 4.37 3.98
N GLU A 203 -20.78 4.37 4.02
CA GLU A 203 -21.51 5.60 4.20
C GLU A 203 -21.28 6.15 5.62
N LYS A 204 -21.07 5.25 6.59
CA LYS A 204 -20.68 5.65 7.93
C LYS A 204 -19.27 6.28 7.94
N ALA A 205 -18.36 5.72 7.12
CA ALA A 205 -17.05 6.33 6.97
C ALA A 205 -17.22 7.74 6.37
N ARG A 206 -18.17 7.87 5.44
CA ARG A 206 -18.45 9.09 4.76
C ARG A 206 -18.91 10.15 5.73
N PHE A 207 -19.68 9.72 6.71
CA PHE A 207 -20.26 10.59 7.75
C PHE A 207 -19.16 11.10 8.63
N TYR A 208 -18.26 10.19 9.00
CA TYR A 208 -17.08 10.55 9.81
C TYR A 208 -16.15 11.49 9.06
N SER A 209 -16.10 11.33 7.74
CA SER A 209 -15.14 12.06 6.91
C SER A 209 -15.45 13.55 6.87
N THR A 210 -16.67 13.93 7.19
CA THR A 210 -17.12 15.31 7.08
C THR A 210 -17.63 15.75 8.46
N GLN A 211 -16.95 15.35 9.51
CA GLN A 211 -17.22 15.87 10.85
C GLN A 211 -18.47 15.36 11.53
N ALA A 212 -18.95 14.21 11.09
CA ALA A 212 -19.98 13.49 11.85
C ALA A 212 -21.24 14.37 12.07
N ARG A 213 -21.67 15.02 10.99
CA ARG A 213 -22.88 15.86 11.04
C ARG A 213 -24.13 14.99 10.83
N GLU A 214 -25.13 15.21 11.67
CA GLU A 214 -26.51 14.75 11.42
C GLU A 214 -27.08 15.51 10.25
N ASN A 215 -27.92 14.84 9.49
CA ASN A 215 -28.46 15.45 8.31
C ASN A 215 -29.52 16.52 8.67
N CYS A 216 -29.07 17.74 8.88
CA CYS A 216 -29.94 18.87 9.19
C CYS A 216 -29.18 20.16 8.95
N LEU A 217 -29.87 21.30 8.98
CA LEU A 217 -29.25 22.57 8.54
C LEU A 217 -28.29 23.12 9.58
N HIS A 218 -28.73 23.10 10.83
CA HIS A 218 -27.88 23.47 11.93
C HIS A 218 -26.93 22.32 12.18
N TYR A 219 -25.97 22.58 13.09
CA TYR A 219 -24.92 21.65 13.37
C TYR A 219 -25.39 20.83 14.55
N GLU A 220 -25.51 19.52 14.33
CA GLU A 220 -26.01 18.60 15.34
C GLU A 220 -25.15 17.33 15.25
N HIS A 221 -24.64 16.91 16.41
CA HIS A 221 -23.57 15.90 16.47
C HIS A 221 -23.83 14.89 17.57
N LEU A 222 -24.07 13.64 17.17
CA LEU A 222 -24.18 12.52 18.10
C LEU A 222 -22.82 11.84 18.30
N ASP A 223 -21.86 12.22 17.48
CA ASP A 223 -20.53 11.60 17.53
C ASP A 223 -19.53 12.63 17.02
N TYR A 224 -18.24 12.30 17.14
CA TYR A 224 -17.18 13.16 16.57
C TYR A 224 -16.58 12.47 15.35
N GLY A 225 -16.04 13.26 14.45
CA GLY A 225 -15.54 12.79 13.20
C GLY A 225 -14.29 13.59 12.82
N TYR A 226 -14.04 13.66 11.52
CA TYR A 226 -12.80 14.20 10.95
C TYR A 226 -13.10 15.09 9.78
N ASN A 227 -12.07 15.80 9.39
CA ASN A 227 -12.06 16.40 8.06
C ASN A 227 -11.15 15.64 7.14
N TYR A 228 -11.68 14.59 6.53
CA TYR A 228 -10.86 13.68 5.73
C TYR A 228 -11.24 13.68 4.24
N ARG A 229 -12.18 14.55 3.87
CA ARG A 229 -12.82 14.40 2.62
C ARG A 229 -11.89 14.90 1.52
N LEU A 230 -11.87 14.30 0.33
CA LEU A 230 -10.99 14.80 -0.74
C LEU A 230 -11.53 16.03 -1.51
N SER A 231 -10.63 16.99 -1.81
CA SER A 231 -10.87 18.15 -2.65
C SER A 231 -11.32 17.76 -4.02
N ASN A 232 -12.34 18.49 -4.50
CA ASN A 232 -12.93 18.24 -5.80
C ASN A 232 -11.94 18.58 -6.89
N VAL A 233 -11.10 19.60 -6.68
CA VAL A 233 -10.02 19.88 -7.64
C VAL A 233 -9.13 18.65 -7.77
N LEU A 234 -8.81 18.02 -6.65
CA LEU A 234 -7.96 16.85 -6.69
C LEU A 234 -8.73 15.62 -7.23
N GLY A 235 -10.02 15.56 -6.93
CA GLY A 235 -10.88 14.57 -7.52
C GLY A 235 -10.81 14.57 -9.06
N ALA A 236 -10.79 15.76 -9.68
CA ALA A 236 -10.61 15.92 -11.11
C ALA A 236 -9.34 15.24 -11.55
N ILE A 237 -8.26 15.43 -10.81
CA ILE A 237 -7.00 14.80 -11.14
C ILE A 237 -7.16 13.28 -11.07
N GLY A 238 -7.85 12.85 -10.03
CA GLY A 238 -8.13 11.46 -9.83
C GLY A 238 -8.88 10.87 -10.99
N VAL A 239 -9.86 11.60 -11.50
CA VAL A 239 -10.63 11.05 -12.59
C VAL A 239 -9.72 10.82 -13.80
N ALA A 240 -8.88 11.80 -14.13
CA ALA A 240 -8.05 11.74 -15.31
C ALA A 240 -6.91 10.74 -15.18
N GLN A 241 -6.36 10.61 -13.99
CA GLN A 241 -5.44 9.57 -13.67
C GLN A 241 -6.09 8.21 -13.72
N MET A 242 -7.36 8.06 -13.30
CA MET A 242 -8.00 6.73 -13.36
C MET A 242 -8.12 6.26 -14.77
N GLU A 243 -8.27 7.20 -15.72
CA GLU A 243 -8.28 6.90 -17.15
C GLU A 243 -7.01 6.21 -17.61
N VAL A 244 -5.89 6.38 -16.90
CA VAL A 244 -4.66 5.70 -17.38
C VAL A 244 -4.18 4.61 -16.44
N LEU A 245 -4.93 4.33 -15.39
CA LEU A 245 -4.51 3.38 -14.38
C LEU A 245 -4.04 2.06 -14.98
N GLU A 246 -4.90 1.46 -15.79
CA GLU A 246 -4.56 0.16 -16.36
C GLU A 246 -3.38 0.25 -17.27
N GLN A 247 -3.33 1.29 -18.10
CA GLN A 247 -2.12 1.56 -18.89
C GLN A 247 -0.88 1.59 -17.99
N ARG A 248 -1.01 2.22 -16.79
CA ARG A 248 0.16 2.34 -15.89
C ARG A 248 0.55 0.96 -15.39
N VAL A 249 -0.45 0.20 -15.01
CA VAL A 249 -0.22 -1.14 -14.49
C VAL A 249 0.56 -1.91 -15.56
N LEU A 250 0.05 -1.84 -16.78
CA LEU A 250 0.64 -2.61 -17.88
C LEU A 250 2.08 -2.19 -18.04
N LYS A 251 2.33 -0.89 -17.98
CA LYS A 251 3.70 -0.36 -18.10
C LYS A 251 4.69 -0.74 -16.96
N LYS A 252 4.22 -0.68 -15.72
CA LYS A 252 5.05 -1.03 -14.54
C LYS A 252 5.54 -2.51 -14.65
N ARG A 253 4.62 -3.37 -15.11
CA ARG A 253 4.91 -4.77 -15.42
C ARG A 253 5.93 -4.94 -16.54
N GLU A 254 5.86 -4.11 -17.58
CA GLU A 254 6.89 -4.10 -18.65
C GLU A 254 8.23 -3.71 -18.10
N ILE A 255 8.24 -2.76 -17.19
CA ILE A 255 9.48 -2.22 -16.70
C ILE A 255 10.20 -3.25 -15.83
N TYR A 256 9.39 -3.89 -15.00
CA TYR A 256 9.81 -5.04 -14.21
C TYR A 256 10.34 -6.14 -15.15
N GLU A 257 9.58 -6.48 -16.18
CA GLU A 257 10.04 -7.54 -17.11
C GLU A 257 11.39 -7.12 -17.72
N TRP A 258 11.55 -5.84 -18.08
CA TRP A 258 12.86 -5.32 -18.53
C TRP A 258 13.97 -5.46 -17.52
N TYR A 259 13.68 -5.14 -16.28
CA TYR A 259 14.70 -5.26 -15.25
C TYR A 259 15.16 -6.72 -15.11
N LYS A 260 14.19 -7.61 -15.11
CA LYS A 260 14.42 -9.06 -15.11
C LYS A 260 15.36 -9.48 -16.24
N GLU A 261 15.04 -9.02 -17.44
CA GLU A 261 15.82 -9.28 -18.65
C GLU A 261 17.23 -8.74 -18.56
N PHE A 262 17.41 -7.51 -18.09
CA PHE A 262 18.75 -6.95 -17.97
C PHE A 262 19.48 -7.40 -16.69
N LEU A 263 18.75 -7.74 -15.61
CA LEU A 263 19.44 -8.03 -14.35
C LEU A 263 19.26 -9.44 -13.84
N GLY A 264 18.45 -10.21 -14.56
CA GLY A 264 18.08 -11.55 -14.17
C GLY A 264 19.20 -12.48 -13.76
N GLU A 265 20.32 -12.44 -14.47
CA GLU A 265 21.43 -13.33 -14.12
C GLU A 265 21.98 -13.02 -12.74
N TYR A 266 21.94 -11.75 -12.32
CA TYR A 266 22.63 -11.30 -11.10
C TYR A 266 21.72 -10.95 -9.92
N PHE A 267 20.42 -10.76 -10.15
CA PHE A 267 19.52 -10.54 -9.03
C PHE A 267 18.38 -11.53 -9.05
N SER A 268 17.72 -11.65 -7.90
CA SER A 268 16.60 -12.52 -7.76
C SER A 268 15.36 -11.63 -7.79
N PHE A 269 14.40 -12.04 -8.61
CA PHE A 269 13.15 -11.32 -8.75
C PHE A 269 12.11 -12.34 -8.36
N LEU A 270 11.49 -12.15 -7.21
CA LEU A 270 10.51 -13.11 -6.77
C LEU A 270 9.22 -13.00 -7.54
N ASP A 271 8.65 -14.14 -7.86
CA ASP A 271 7.51 -14.18 -8.73
C ASP A 271 6.24 -13.80 -8.02
N GLU A 272 5.36 -13.13 -8.74
CA GLU A 272 4.04 -12.89 -8.18
C GLU A 272 3.35 -14.26 -8.04
N LEU A 273 2.33 -14.36 -7.18
CA LEU A 273 1.57 -15.60 -7.07
C LEU A 273 0.92 -15.93 -8.42
N GLU A 274 1.06 -17.18 -8.88
CA GLU A 274 0.31 -17.60 -10.09
C GLU A 274 -1.12 -17.27 -9.74
N ASN A 275 -1.90 -16.89 -10.71
CA ASN A 275 -3.30 -16.47 -10.47
C ASN A 275 -3.40 -15.16 -9.67
N SER A 276 -2.38 -14.32 -9.83
CA SER A 276 -2.46 -12.92 -9.42
C SER A 276 -1.87 -12.04 -10.51
N ARG A 277 -2.01 -10.74 -10.33
CA ARG A 277 -1.36 -9.78 -11.17
C ARG A 277 -0.97 -8.58 -10.30
N SER A 278 0.29 -8.56 -9.89
CA SER A 278 0.85 -7.46 -9.17
C SER A 278 0.97 -6.27 -10.09
N ASN A 279 0.66 -5.11 -9.52
CA ASN A 279 0.84 -3.88 -10.28
C ASN A 279 2.29 -3.46 -10.45
N ARG A 280 3.19 -4.19 -9.79
CA ARG A 280 4.63 -3.91 -9.73
C ARG A 280 4.92 -2.44 -9.52
N TRP A 281 4.15 -1.85 -8.59
CA TRP A 281 4.23 -0.40 -8.30
C TRP A 281 5.69 0.11 -8.22
N LEU A 282 6.55 -0.61 -7.50
CA LEU A 282 8.01 -0.51 -7.66
C LEU A 282 8.57 -1.87 -8.09
N SER A 283 9.48 -1.80 -9.04
CA SER A 283 10.30 -2.95 -9.39
C SER A 283 11.31 -3.09 -8.26
N THR A 284 11.42 -4.29 -7.68
CA THR A 284 12.35 -4.59 -6.59
C THR A 284 13.21 -5.81 -6.96
N ALA A 285 14.42 -5.86 -6.41
CA ALA A 285 15.36 -6.95 -6.65
C ALA A 285 16.22 -7.28 -5.44
N LEU A 286 16.54 -8.58 -5.32
CA LEU A 286 17.29 -9.07 -4.18
C LEU A 286 18.62 -9.49 -4.73
N ILE A 287 19.68 -9.06 -4.06
CA ILE A 287 21.03 -9.50 -4.40
C ILE A 287 21.50 -10.65 -3.52
N ASN A 288 22.41 -11.49 -4.02
CA ASN A 288 23.03 -12.58 -3.22
C ASN A 288 22.06 -13.34 -2.32
N PHE A 289 20.99 -13.80 -2.96
CA PHE A 289 19.81 -14.27 -2.27
C PHE A 289 19.44 -15.64 -2.79
N ASP A 290 19.14 -16.52 -1.84
CA ASP A 290 18.58 -17.84 -2.12
C ASP A 290 17.23 -17.91 -1.38
N LYS A 291 16.17 -18.34 -2.07
CA LYS A 291 14.84 -18.49 -1.40
C LYS A 291 14.90 -19.41 -0.17
N ASN A 292 15.87 -20.30 -0.11
CA ASN A 292 15.97 -21.20 1.04
C ASN A 292 16.56 -20.51 2.32
N GLU A 293 16.98 -19.26 2.23
CA GLU A 293 17.30 -18.48 3.44
C GLU A 293 16.04 -18.05 4.21
N LEU A 294 14.88 -18.15 3.58
CA LEU A 294 13.62 -17.78 4.21
C LEU A 294 13.26 -18.76 5.31
N ASN A 295 12.50 -18.24 6.28
CA ASN A 295 11.99 -18.96 7.41
C ASN A 295 13.09 -19.56 8.20
N SER A 296 14.07 -18.73 8.47
CA SER A 296 15.24 -19.10 9.24
C SER A 296 14.95 -19.02 10.73
N CYS A 297 13.69 -18.71 11.09
CA CYS A 297 13.26 -18.78 12.48
C CYS A 297 11.76 -18.69 12.56
N GLN A 298 11.25 -18.87 13.77
CA GLN A 298 9.83 -18.73 14.09
C GLN A 298 9.75 -18.37 15.57
N LYS A 299 9.70 -17.06 15.83
CA LYS A 299 9.63 -16.49 17.19
C LYS A 299 8.78 -15.24 17.29
N ASP A 300 8.39 -14.95 18.52
CA ASP A 300 7.66 -13.76 18.88
C ASP A 300 8.58 -13.01 19.77
N ILE A 301 8.57 -11.69 19.61
CA ILE A 301 9.40 -10.83 20.41
C ILE A 301 8.55 -9.65 20.88
N ASN A 302 9.08 -8.91 21.85
CA ASN A 302 8.63 -7.57 22.16
C ASN A 302 9.60 -6.65 21.41
N ILE A 303 9.09 -5.78 20.56
CA ILE A 303 9.98 -5.05 19.66
C ILE A 303 11.00 -4.15 20.36
N SER A 304 12.22 -4.19 19.85
CA SER A 304 13.18 -3.17 20.16
C SER A 304 13.72 -2.58 18.86
N GLN A 305 14.09 -1.30 18.93
CA GLN A 305 14.78 -0.62 17.83
C GLN A 305 16.00 -1.43 17.47
N LYS A 306 16.14 -1.76 16.18
CA LYS A 306 17.25 -2.57 15.75
C LYS A 306 17.88 -1.98 14.51
N ASN A 307 19.19 -1.82 14.56
CA ASN A 307 19.97 -1.41 13.42
C ASN A 307 20.24 -2.62 12.52
N ILE A 308 19.75 -2.55 11.29
CA ILE A 308 19.98 -3.61 10.30
C ILE A 308 20.86 -3.04 9.21
N THR A 309 22.02 -3.65 9.02
CA THR A 309 22.99 -3.22 8.03
C THR A 309 22.60 -3.75 6.63
N LEU A 310 22.53 -2.86 5.65
CA LEU A 310 22.36 -3.33 4.25
C LEU A 310 23.53 -4.25 3.83
N HIS A 311 23.22 -5.25 3.02
CA HIS A 311 24.24 -5.95 2.29
C HIS A 311 25.11 -4.86 1.63
N PRO A 312 26.46 -4.99 1.67
CA PRO A 312 27.41 -3.97 1.17
C PRO A 312 27.19 -3.62 -0.30
N LYS A 313 26.83 -4.59 -1.11
CA LYS A 313 26.56 -4.29 -2.51
C LYS A 313 25.30 -3.47 -2.70
N ILE A 314 24.33 -3.59 -1.79
CA ILE A 314 23.13 -2.72 -1.83
C ILE A 314 23.51 -1.28 -1.48
N SER A 315 24.23 -1.10 -0.39
CA SER A 315 24.56 0.28 0.05
C SER A 315 25.43 0.93 -1.01
N LYS A 316 26.35 0.16 -1.61
CA LYS A 316 27.18 0.68 -2.67
C LYS A 316 26.36 0.97 -3.91
N LEU A 317 25.41 0.08 -4.19
CA LEU A 317 24.57 0.25 -5.35
C LEU A 317 23.79 1.56 -5.26
N ILE A 318 23.17 1.79 -4.10
CA ILE A 318 22.45 3.03 -3.81
C ILE A 318 23.32 4.27 -3.98
N GLU A 319 24.51 4.25 -3.37
CA GLU A 319 25.46 5.36 -3.46
C GLU A 319 25.91 5.60 -4.90
N ASP A 320 26.23 4.51 -5.59
CA ASP A 320 26.70 4.61 -6.97
C ASP A 320 25.64 5.26 -7.87
N LEU A 321 24.42 4.77 -7.79
CA LEU A 321 23.33 5.28 -8.60
C LEU A 321 22.89 6.69 -8.22
N LYS A 322 22.99 6.99 -6.91
CA LYS A 322 22.74 8.32 -6.42
C LYS A 322 23.72 9.28 -7.11
N ASN A 323 25.02 8.93 -7.08
CA ASN A 323 26.03 9.69 -7.83
C ASN A 323 25.71 9.83 -9.34
N LYS A 324 25.03 8.89 -9.95
CA LYS A 324 24.57 9.16 -11.31
C LYS A 324 23.13 9.72 -11.36
N GLN A 325 22.61 10.23 -10.22
CA GLN A 325 21.30 10.91 -10.14
C GLN A 325 20.14 10.01 -10.43
N ILE A 326 20.28 8.77 -9.99
CA ILE A 326 19.22 7.81 -10.01
C ILE A 326 18.86 7.45 -8.60
N GLU A 327 17.58 7.65 -8.27
CA GLU A 327 17.06 7.32 -6.96
C GLU A 327 16.81 5.85 -6.85
N THR A 328 17.45 5.24 -5.86
CA THR A 328 17.03 3.97 -5.39
C THR A 328 16.80 4.06 -3.88
N ARG A 329 16.17 3.05 -3.29
CA ARG A 329 15.94 3.08 -1.86
C ARG A 329 15.96 1.66 -1.30
N PRO A 330 16.36 1.49 -0.03
CA PRO A 330 16.19 0.17 0.60
C PRO A 330 14.75 -0.31 0.58
N LEU A 331 14.49 -1.59 0.86
CA LEU A 331 13.09 -2.00 1.03
C LEU A 331 12.62 -1.47 2.35
N TRP A 332 11.32 -1.50 2.59
CA TRP A 332 10.74 -0.89 3.76
C TRP A 332 11.31 -1.55 5.02
N LYS A 333 11.76 -0.74 5.98
CA LYS A 333 12.35 -1.28 7.18
C LYS A 333 11.20 -1.65 8.09
N THR A 334 11.08 -2.96 8.25
CA THR A 334 10.13 -3.63 9.15
C THR A 334 9.80 -2.86 10.40
N MET A 335 8.53 -2.87 10.78
CA MET A 335 8.04 -2.19 11.98
C MET A 335 8.59 -2.92 13.18
N HIS A 336 8.99 -4.18 13.02
CA HIS A 336 9.53 -4.92 14.19
C HIS A 336 10.91 -4.47 14.65
N ALA A 337 11.54 -3.55 13.93
CA ALA A 337 12.85 -3.00 14.25
C ALA A 337 12.76 -1.47 14.55
N GLN A 338 11.52 -0.97 14.59
CA GLN A 338 11.32 0.47 14.77
C GLN A 338 11.10 0.82 16.25
N GLU A 339 11.71 1.89 16.70
CA GLU A 339 11.61 2.37 18.07
C GLU A 339 10.18 2.76 18.45
N VAL A 340 9.48 3.39 17.49
CA VAL A 340 8.11 3.79 17.75
C VAL A 340 7.30 2.64 18.33
N PHE A 341 7.53 1.42 17.85
CA PHE A 341 6.76 0.26 18.29
C PHE A 341 7.44 -0.58 19.40
N LYS A 342 8.42 0.03 20.06
CA LYS A 342 9.03 -0.50 21.29
C LYS A 342 8.00 -1.18 22.20
N GLY A 343 8.24 -2.44 22.49
CA GLY A 343 7.39 -3.16 23.41
C GLY A 343 6.29 -4.00 22.79
N ALA A 344 5.85 -3.60 21.61
CA ALA A 344 4.76 -4.27 20.97
C ALA A 344 5.21 -5.66 20.53
N LYS A 345 4.22 -6.53 20.41
CA LYS A 345 4.46 -7.94 20.08
C LYS A 345 4.64 -8.11 18.57
N ALA A 346 5.63 -8.91 18.18
CA ALA A 346 5.93 -9.19 16.77
C ALA A 346 6.33 -10.62 16.59
N TYR A 347 5.80 -11.26 15.55
CA TYR A 347 6.25 -12.58 15.11
C TYR A 347 7.23 -12.46 13.96
N LEU A 348 8.39 -13.09 14.13
CA LEU A 348 9.46 -13.08 13.13
C LEU A 348 9.69 -14.46 12.54
N ASN A 349 10.12 -14.47 11.29
CA ASN A 349 10.68 -15.67 10.71
C ASN A 349 11.98 -15.35 9.98
N GLY A 350 12.52 -14.16 10.23
CA GLY A 350 13.75 -13.71 9.60
C GLY A 350 13.57 -12.98 8.26
N ASN A 351 12.42 -13.14 7.64
CA ASN A 351 12.32 -12.80 6.21
C ASN A 351 12.35 -11.30 5.90
N SER A 352 11.59 -10.52 6.66
CA SER A 352 11.52 -9.09 6.41
C SER A 352 12.90 -8.43 6.58
N GLU A 353 13.68 -8.89 7.56
CA GLU A 353 14.96 -8.32 7.84
C GLU A 353 15.95 -8.70 6.74
N LEU A 354 15.75 -9.87 6.16
CA LEU A 354 16.64 -10.41 5.13
C LEU A 354 16.33 -9.71 3.80
N PHE A 355 15.06 -9.41 3.60
CA PHE A 355 14.68 -8.62 2.45
C PHE A 355 15.24 -7.19 2.58
N PHE A 356 15.14 -6.58 3.74
CA PHE A 356 15.77 -5.28 3.93
C PHE A 356 17.28 -5.32 3.63
N GLN A 357 17.98 -6.39 4.00
CA GLN A 357 19.44 -6.50 3.73
C GLN A 357 19.80 -6.52 2.27
N LYS A 358 19.09 -7.37 1.54
CA LYS A 358 19.49 -7.71 0.19
C LYS A 358 18.62 -7.08 -0.86
N GLY A 359 17.64 -6.28 -0.46
CA GLY A 359 16.65 -5.76 -1.44
C GLY A 359 16.87 -4.34 -1.84
N ILE A 360 16.33 -3.96 -3.00
CA ILE A 360 16.37 -2.59 -3.45
C ILE A 360 15.13 -2.23 -4.25
N CYS A 361 14.69 -0.98 -4.10
CA CYS A 361 13.62 -0.44 -4.92
C CYS A 361 14.29 0.22 -6.08
N LEU A 362 13.88 -0.13 -7.28
CA LEU A 362 14.42 0.43 -8.48
C LEU A 362 13.55 1.55 -9.06
N PRO A 363 14.19 2.45 -9.83
CA PRO A 363 13.34 3.46 -10.50
C PRO A 363 12.35 2.75 -11.37
N SER A 364 11.06 3.09 -11.21
CA SER A 364 9.97 2.38 -11.88
C SER A 364 8.94 3.36 -12.50
N GLY A 365 9.38 4.56 -12.81
CA GLY A 365 8.49 5.56 -13.40
C GLY A 365 8.04 5.11 -14.74
N THR A 366 6.72 5.19 -14.98
CA THR A 366 6.11 4.77 -16.26
C THR A 366 6.46 5.69 -17.50
N ALA A 367 7.05 6.85 -17.28
CA ALA A 367 7.58 7.69 -18.37
C ALA A 367 8.93 7.18 -18.91
N MET A 368 9.54 6.23 -18.22
CA MET A 368 10.81 5.68 -18.67
C MET A 368 10.63 4.81 -19.88
N SER A 369 11.59 4.89 -20.80
CA SER A 369 11.65 3.99 -21.96
C SER A 369 12.42 2.77 -21.58
N LYS A 370 12.42 1.80 -22.50
CA LYS A 370 13.28 0.62 -22.36
C LYS A 370 14.76 0.99 -22.30
N ASP A 371 15.18 1.93 -23.12
CA ASP A 371 16.55 2.42 -23.11
C ASP A 371 16.97 3.00 -21.73
N ASP A 372 16.06 3.78 -21.13
CA ASP A 372 16.26 4.28 -19.77
C ASP A 372 16.56 3.08 -18.83
N VAL A 373 15.63 2.12 -18.82
CA VAL A 373 15.81 0.99 -17.90
C VAL A 373 17.14 0.29 -18.19
N TYR A 374 17.46 0.22 -19.48
CA TYR A 374 18.67 -0.42 -19.92
C TYR A 374 19.90 0.28 -19.36
N GLU A 375 19.95 1.60 -19.48
CA GLU A 375 21.14 2.34 -19.03
C GLU A 375 21.23 2.31 -17.52
N ILE A 376 20.08 2.26 -16.85
CA ILE A 376 20.08 2.17 -15.39
C ILE A 376 20.66 0.81 -14.97
N SER A 377 20.11 -0.24 -15.59
CA SER A 377 20.51 -1.63 -15.32
C SER A 377 22.04 -1.84 -15.50
N LYS A 378 22.63 -1.27 -16.55
CA LYS A 378 24.10 -1.45 -16.73
C LYS A 378 24.92 -0.67 -15.70
N LEU A 379 24.42 0.46 -15.22
CA LEU A 379 25.05 1.11 -14.07
C LEU A 379 24.86 0.25 -12.84
N ILE A 380 23.74 -0.44 -12.74
CA ILE A 380 23.58 -1.33 -11.59
C ILE A 380 24.64 -2.46 -11.71
N LEU A 381 24.78 -3.03 -12.91
CA LEU A 381 25.76 -4.10 -13.15
C LEU A 381 27.20 -3.61 -12.93
N LYS A 382 27.52 -2.43 -13.42
CA LYS A 382 28.85 -1.86 -13.20
C LYS A 382 29.14 -1.83 -11.71
N SER A 383 28.15 -1.35 -10.96
CA SER A 383 28.31 -1.12 -9.52
C SER A 383 28.61 -2.41 -8.73
N ILE A 384 27.92 -3.48 -9.07
CA ILE A 384 28.01 -4.68 -8.26
C ILE A 384 29.24 -5.52 -8.53
N LYS A 385 29.71 -5.60 -9.79
CA LYS A 385 30.97 -6.32 -10.07
C LYS A 385 32.14 -5.38 -9.99
#